data_3AJ4
#
_entry.id   3AJ4
#
_cell.length_a   31.747
_cell.length_b   48.449
_cell.length_c   64.323
_cell.angle_alpha   90.00
_cell.angle_beta   92.20
_cell.angle_gamma   90.00
#
_symmetry.space_group_name_H-M   'P 1 21 1'
#
loop_
_entity.id
_entity.type
_entity.pdbx_description
1 polymer 'Pleckstrin homology domain-containing family B member 2'
2 non-polymer PHOSPHOSERINE
3 non-polymer 1,2-ETHANEDIOL
4 water water
#
_entity_poly.entity_id   1
_entity_poly.type   'polypeptide(L)'
_entity_poly.pdbx_seq_one_letter_code
;GSMAFVKSGWLLRQSTILKRWKKNWFDLWSDGHLIYYDDQTRQNIEDKVHMPMDCINIRTGQECRDTQPPDGKSKDCMLQ
IVCRDGKTISLCAESTDDCLAWKFTLQDSRTN
;
_entity_poly.pdbx_strand_id   A,B
#
loop_
_chem_comp.id
_chem_comp.type
_chem_comp.name
_chem_comp.formula
EDO non-polymer 1,2-ETHANEDIOL 'C2 H6 O2'
#
# COMPACT_ATOMS: atom_id res chain seq x y z
N GLY A 1 -5.32 -3.76 -11.00
CA GLY A 1 -4.05 -3.59 -10.25
C GLY A 1 -3.50 -4.91 -9.78
N SER A 2 -2.39 -4.86 -9.06
N SER A 2 -2.37 -4.86 -9.07
CA SER A 2 -1.74 -6.06 -8.63
CA SER A 2 -1.74 -6.06 -8.55
C SER A 2 -2.44 -6.70 -7.40
C SER A 2 -2.52 -6.71 -7.42
N MET A 3 -2.51 -8.03 -7.42
CA MET A 3 -3.13 -8.82 -6.41
C MET A 3 -2.14 -9.65 -5.60
N ALA A 4 -0.84 -9.43 -5.78
CA ALA A 4 0.17 -10.31 -5.20
C ALA A 4 1.49 -9.59 -5.24
N PHE A 5 2.41 -9.91 -4.33
CA PHE A 5 3.64 -9.22 -4.15
C PHE A 5 4.84 -9.92 -4.77
N VAL A 6 5.88 -9.14 -5.06
CA VAL A 6 7.15 -9.70 -5.48
C VAL A 6 7.82 -10.50 -4.35
N LYS A 7 7.84 -9.88 -3.15
CA LYS A 7 8.49 -10.47 -1.99
C LYS A 7 7.90 -9.82 -0.77
N SER A 8 7.72 -10.59 0.30
CA SER A 8 7.32 -10.06 1.58
C SER A 8 8.13 -10.70 2.67
N GLY A 9 8.33 -10.01 3.78
CA GLY A 9 8.96 -10.64 4.92
C GLY A 9 9.32 -9.65 5.99
N TRP A 10 9.84 -10.14 7.10
CA TRP A 10 10.32 -9.30 8.17
C TRP A 10 11.68 -8.74 7.85
N LEU A 11 11.94 -7.51 8.29
CA LEU A 11 13.30 -6.99 8.47
C LEU A 11 13.26 -6.13 9.72
N LEU A 12 14.40 -6.04 10.40
CA LEU A 12 14.57 -4.98 11.39
C LEU A 12 14.89 -3.69 10.64
N ARG A 13 14.36 -2.58 11.13
CA ARG A 13 14.62 -1.27 10.57
C ARG A 13 15.05 -0.34 11.67
N GLN A 14 16.05 0.49 11.44
N GLN A 14 16.04 0.50 11.42
CA GLN A 14 16.39 1.52 12.43
CA GLN A 14 16.50 1.45 12.42
C GLN A 14 15.43 2.64 12.30
C GLN A 14 15.57 2.70 12.35
N SER A 15 14.86 2.99 13.44
CA SER A 15 13.79 3.96 13.46
C SER A 15 14.30 5.40 13.27
N THR A 16 13.35 6.28 12.95
CA THR A 16 13.66 7.63 12.48
C THR A 16 13.76 8.68 13.56
N ILE A 17 13.36 8.37 14.81
CA ILE A 17 13.45 9.30 15.93
C ILE A 17 14.45 8.77 16.93
N LEU A 18 14.22 7.55 17.40
CA LEU A 18 15.03 6.94 18.43
C LEU A 18 16.24 6.14 17.83
N LYS A 19 16.25 5.86 16.54
N LYS A 19 16.25 5.88 16.54
CA LYS A 19 17.28 5.04 15.88
CA LYS A 19 17.25 5.02 15.90
C LYS A 19 17.34 3.65 16.49
C LYS A 19 17.38 3.74 16.77
N ARG A 20 16.20 3.15 17.00
CA ARG A 20 16.15 1.80 17.55
C ARG A 20 15.90 0.80 16.47
N TRP A 21 16.52 -0.40 16.59
CA TRP A 21 16.21 -1.50 15.69
C TRP A 21 14.88 -2.09 16.07
N LYS A 22 13.92 -2.06 15.15
CA LYS A 22 12.59 -2.59 15.43
C LYS A 22 12.08 -3.40 14.26
N LYS A 23 11.30 -4.42 14.59
N LYS A 23 11.29 -4.42 14.57
CA LYS A 23 10.74 -5.32 13.59
CA LYS A 23 10.82 -5.33 13.55
C LYS A 23 9.71 -4.54 12.76
C LYS A 23 9.66 -4.70 12.77
N ASN A 24 9.76 -4.72 11.44
CA ASN A 24 8.72 -4.27 10.54
C ASN A 24 8.47 -5.35 9.47
N TRP A 25 7.24 -5.34 8.98
CA TRP A 25 6.82 -6.23 7.89
C TRP A 25 6.90 -5.46 6.57
N PHE A 26 7.55 -6.07 5.58
CA PHE A 26 7.76 -5.44 4.29
C PHE A 26 7.04 -6.21 3.19
N ASP A 27 6.37 -5.45 2.32
CA ASP A 27 5.84 -5.96 1.04
C ASP A 27 6.48 -5.18 -0.08
N LEU A 28 7.09 -5.89 -1.02
CA LEU A 28 7.60 -5.27 -2.28
C LEU A 28 6.56 -5.50 -3.37
N TRP A 29 5.98 -4.42 -3.84
CA TRP A 29 4.99 -4.43 -4.90
C TRP A 29 5.67 -4.46 -6.28
N SER A 30 4.99 -5.02 -7.26
N SER A 30 4.95 -5.01 -7.23
CA SER A 30 5.53 -5.03 -8.61
CA SER A 30 5.36 -5.03 -8.62
C SER A 30 5.52 -3.64 -9.30
C SER A 30 5.59 -3.64 -9.21
N ASP A 31 4.87 -2.66 -8.71
CA ASP A 31 4.96 -1.27 -9.21
C ASP A 31 6.21 -0.58 -8.73
N GLY A 32 7.03 -1.24 -7.91
CA GLY A 32 8.28 -0.67 -7.41
C GLY A 32 8.24 -0.18 -5.98
N HIS A 33 7.06 -0.07 -5.40
CA HIS A 33 6.97 0.39 -4.03
C HIS A 33 7.32 -0.74 -3.05
N LEU A 34 8.16 -0.36 -2.09
CA LEU A 34 8.43 -1.15 -0.88
C LEU A 34 7.66 -0.49 0.25
N ILE A 35 6.71 -1.23 0.81
CA ILE A 35 5.88 -0.76 1.91
C ILE A 35 6.32 -1.44 3.17
N TYR A 36 6.39 -0.71 4.26
CA TYR A 36 6.66 -1.32 5.57
C TYR A 36 5.64 -0.91 6.58
N TYR A 37 5.28 -1.89 7.39
CA TYR A 37 4.26 -1.82 8.43
C TYR A 37 4.85 -2.21 9.76
N ASP A 38 4.16 -1.84 10.84
N ASP A 38 4.16 -1.90 10.85
CA ASP A 38 4.57 -2.23 12.18
CA ASP A 38 4.66 -2.30 12.14
C ASP A 38 4.61 -3.75 12.32
C ASP A 38 4.43 -3.74 12.50
N ASP A 39 3.64 -4.46 11.71
CA ASP A 39 3.54 -5.91 11.85
C ASP A 39 2.89 -6.50 10.62
N GLN A 40 2.74 -7.82 10.63
CA GLN A 40 2.36 -8.61 9.47
C GLN A 40 0.86 -8.61 9.23
N THR A 41 0.06 -7.87 10.01
CA THR A 41 -1.34 -7.66 9.75
C THR A 41 -1.61 -6.55 8.74
N ARG A 42 -0.60 -5.75 8.43
CA ARG A 42 -0.73 -4.69 7.41
C ARG A 42 -1.69 -3.59 7.88
N GLN A 43 -1.93 -3.50 9.20
N GLN A 43 -1.93 -3.44 9.18
CA GLN A 43 -2.84 -2.52 9.79
CA GLN A 43 -2.89 -2.47 9.64
C GLN A 43 -2.23 -1.14 9.88
C GLN A 43 -2.28 -1.14 10.05
N ASN A 44 -0.95 -1.07 10.22
CA ASN A 44 -0.31 0.17 10.61
C ASN A 44 0.86 0.46 9.66
N ILE A 45 0.49 1.15 8.60
N ILE A 45 0.73 1.32 8.63
CA ILE A 45 1.43 1.52 7.65
CA ILE A 45 1.87 1.66 7.72
C ILE A 45 2.38 2.53 8.28
C ILE A 45 2.94 2.51 8.48
N GLU A 46 3.65 2.33 8.02
N GLU A 46 4.22 2.16 8.38
CA GLU A 46 4.70 3.23 8.46
CA GLU A 46 5.32 2.95 8.90
C GLU A 46 5.14 4.13 7.33
C GLU A 46 5.76 3.94 7.83
N ASP A 47 5.65 3.54 6.26
N ASP A 47 6.19 3.48 6.65
CA ASP A 47 6.15 4.38 5.18
CA ASP A 47 6.46 4.34 5.46
C ASP A 47 6.39 3.49 3.99
C ASP A 47 6.49 3.51 4.13
N LYS A 48 6.86 4.15 2.99
CA LYS A 48 7.13 3.49 1.73
C LYS A 48 8.33 4.13 1.07
N VAL A 49 8.89 3.41 0.13
CA VAL A 49 9.90 3.93 -0.76
C VAL A 49 9.63 3.39 -2.14
N HIS A 50 9.72 4.22 -3.16
CA HIS A 50 9.57 3.76 -4.54
C HIS A 50 10.97 3.42 -5.03
N MET A 51 11.26 2.15 -5.23
CA MET A 51 12.61 1.77 -5.54
C MET A 51 13.10 2.39 -6.86
N PRO A 52 12.32 2.35 -7.94
CA PRO A 52 12.82 2.99 -9.18
C PRO A 52 13.07 4.50 -9.03
N MET A 53 12.16 5.23 -8.46
N MET A 53 12.06 5.23 -8.52
CA MET A 53 12.32 6.65 -8.54
CA MET A 53 12.03 6.72 -8.46
C MET A 53 13.19 7.22 -7.40
C MET A 53 12.90 7.32 -7.34
N ASP A 54 12.97 6.68 -6.19
CA ASP A 54 13.58 7.27 -5.01
C ASP A 54 14.98 6.74 -4.71
N CYS A 55 15.24 5.48 -5.00
CA CYS A 55 16.50 4.85 -4.57
C CYS A 55 17.60 5.19 -5.55
N ILE A 56 18.73 5.65 -4.99
CA ILE A 56 19.93 5.91 -5.79
C ILE A 56 21.08 4.95 -5.48
N ASN A 57 20.99 4.14 -4.41
CA ASN A 57 21.99 3.16 -4.13
C ASN A 57 21.41 2.16 -3.12
N ILE A 58 21.94 0.95 -3.13
CA ILE A 58 21.67 -0.03 -2.09
C ILE A 58 23.02 -0.52 -1.59
N ARG A 59 23.28 -0.32 -0.31
CA ARG A 59 24.51 -0.72 0.36
C ARG A 59 24.23 -2.00 1.16
N THR A 60 25.24 -2.86 1.32
N THR A 60 25.27 -2.81 1.34
CA THR A 60 25.10 -3.96 2.27
CA THR A 60 25.19 -3.98 2.20
C THR A 60 26.38 -4.11 3.07
C THR A 60 26.41 -4.09 3.07
N GLY A 61 26.25 -4.73 4.21
CA GLY A 61 27.40 -5.04 5.05
C GLY A 61 28.15 -3.79 5.45
N GLN A 62 29.48 -3.85 5.34
CA GLN A 62 30.38 -2.75 5.68
C GLN A 62 30.11 -1.49 4.87
N GLU A 63 29.42 -1.61 3.75
CA GLU A 63 29.10 -0.41 2.96
C GLU A 63 28.12 0.51 3.68
N CYS A 64 27.26 -0.06 4.55
CA CYS A 64 26.21 0.72 5.18
C CYS A 64 26.85 1.80 6.07
N ARG A 65 26.32 3.02 5.99
CA ARG A 65 26.91 4.16 6.68
C ARG A 65 26.07 4.58 7.89
N ASP A 66 26.79 4.98 8.94
CA ASP A 66 26.15 5.62 10.10
C ASP A 66 25.11 4.71 10.72
N THR A 67 25.42 3.41 10.82
CA THR A 67 24.50 2.42 11.36
C THR A 67 25.28 1.20 11.80
N GLN A 68 24.96 0.69 12.98
CA GLN A 68 25.60 -0.51 13.53
C GLN A 68 24.54 -1.50 13.81
N PRO A 69 24.87 -2.79 13.69
CA PRO A 69 23.87 -3.83 13.83
C PRO A 69 23.38 -3.97 15.25
N PRO A 70 22.26 -4.68 15.45
CA PRO A 70 21.88 -5.08 16.79
C PRO A 70 22.99 -5.88 17.46
N ASP A 71 23.02 -5.86 18.78
CA ASP A 71 24.04 -6.57 19.51
C ASP A 71 24.14 -8.03 19.11
N GLY A 72 25.35 -8.49 18.85
CA GLY A 72 25.55 -9.86 18.52
C GLY A 72 25.40 -10.23 17.08
N LYS A 73 25.00 -9.29 16.25
N LYS A 73 24.79 -9.33 16.27
CA LYS A 73 24.74 -9.67 14.88
CA LYS A 73 24.56 -9.51 14.78
C LYS A 73 25.78 -9.07 13.95
C LYS A 73 25.81 -9.12 14.02
N SER A 74 26.15 -9.86 12.97
CA SER A 74 27.10 -9.42 11.99
C SER A 74 26.54 -8.28 11.14
N LYS A 75 27.40 -7.30 10.86
CA LYS A 75 26.98 -6.24 9.95
C LYS A 75 26.70 -6.79 8.54
N ASP A 76 27.14 -8.01 8.21
CA ASP A 76 26.79 -8.60 6.90
C ASP A 76 25.30 -8.95 6.79
N CYS A 77 24.56 -8.86 7.88
CA CYS A 77 23.12 -8.98 7.83
C CYS A 77 22.43 -7.69 7.40
N MET A 78 23.17 -6.59 7.27
CA MET A 78 22.56 -5.28 7.04
C MET A 78 22.52 -4.89 5.59
N LEU A 79 21.51 -4.10 5.26
N LEU A 79 21.47 -4.12 5.29
CA LEU A 79 21.45 -3.46 3.95
CA LEU A 79 21.26 -3.41 4.02
C LEU A 79 20.83 -2.07 4.21
C LEU A 79 20.97 -1.97 4.36
N GLN A 80 21.18 -1.10 3.38
CA GLN A 80 20.79 0.26 3.55
C GLN A 80 20.32 0.82 2.20
N ILE A 81 19.08 1.24 2.15
CA ILE A 81 18.51 1.85 0.95
C ILE A 81 18.80 3.35 1.03
N VAL A 82 19.45 3.87 0.00
CA VAL A 82 19.83 5.29 -0.06
C VAL A 82 18.92 5.98 -1.03
N CYS A 83 18.22 7.02 -0.54
CA CYS A 83 17.27 7.75 -1.37
C CYS A 83 17.81 9.10 -1.82
N ARG A 84 17.25 9.60 -2.91
CA ARG A 84 17.75 10.85 -3.52
C ARG A 84 17.57 12.07 -2.61
N ASP A 85 16.59 12.07 -1.67
CA ASP A 85 16.42 13.17 -0.75
C ASP A 85 17.25 13.01 0.51
N GLY A 86 18.15 12.05 0.55
CA GLY A 86 18.95 11.82 1.74
C GLY A 86 18.37 10.88 2.75
N LYS A 87 17.11 10.45 2.60
CA LYS A 87 16.62 9.44 3.49
C LYS A 87 17.43 8.16 3.27
N THR A 88 17.92 7.60 4.37
CA THR A 88 18.46 6.25 4.37
C THR A 88 17.54 5.37 5.19
N ILE A 89 17.33 4.17 4.70
CA ILE A 89 16.54 3.15 5.39
C ILE A 89 17.49 2.04 5.74
N SER A 90 17.90 1.97 6.98
CA SER A 90 18.89 1.01 7.47
C SER A 90 18.13 -0.22 7.98
N LEU A 91 18.51 -1.37 7.44
CA LEU A 91 17.76 -2.62 7.60
C LEU A 91 18.71 -3.71 8.09
N CYS A 92 18.15 -4.67 8.82
CA CYS A 92 18.94 -5.81 9.27
C CYS A 92 18.09 -7.06 9.09
N ALA A 93 18.59 -7.96 8.26
CA ALA A 93 17.97 -9.24 8.01
C ALA A 93 18.28 -10.22 9.13
N GLU A 94 17.58 -11.37 9.10
N GLU A 94 17.62 -11.37 9.13
CA GLU A 94 17.78 -12.41 10.10
CA GLU A 94 17.89 -12.33 10.19
C GLU A 94 19.11 -13.14 9.92
C GLU A 94 19.07 -13.24 9.91
N SER A 95 19.56 -13.20 8.67
CA SER A 95 20.72 -13.95 8.28
C SER A 95 21.40 -13.24 7.13
N THR A 96 22.62 -13.67 6.85
CA THR A 96 23.34 -13.14 5.70
C THR A 96 22.65 -13.54 4.37
N ASP A 97 22.08 -14.74 4.31
CA ASP A 97 21.35 -15.14 3.13
C ASP A 97 20.04 -14.38 2.92
N ASP A 98 19.33 -14.08 4.00
CA ASP A 98 18.13 -13.23 3.93
C ASP A 98 18.53 -11.84 3.41
N CYS A 99 19.64 -11.31 3.92
CA CYS A 99 20.14 -10.03 3.45
C CYS A 99 20.41 -10.06 1.95
N LEU A 100 21.12 -11.07 1.47
CA LEU A 100 21.43 -11.12 0.04
C LEU A 100 20.17 -11.29 -0.80
N ALA A 101 19.21 -12.10 -0.34
CA ALA A 101 17.98 -12.29 -1.08
C ALA A 101 17.27 -10.94 -1.26
N TRP A 102 17.14 -10.18 -0.19
CA TRP A 102 16.57 -8.85 -0.30
C TRP A 102 17.42 -7.92 -1.17
N LYS A 103 18.74 -7.95 -1.02
N LYS A 103 18.74 -7.96 -1.02
CA LYS A 103 19.56 -7.05 -1.82
CA LYS A 103 19.63 -7.12 -1.83
C LYS A 103 19.29 -7.28 -3.31
C LYS A 103 19.29 -7.27 -3.31
N PHE A 104 19.34 -8.55 -3.75
N PHE A 104 19.30 -8.51 -3.82
CA PHE A 104 19.20 -8.84 -5.17
CA PHE A 104 19.14 -8.66 -5.25
C PHE A 104 17.78 -8.47 -5.66
C PHE A 104 17.73 -8.36 -5.67
N THR A 105 16.76 -8.74 -4.84
CA THR A 105 15.38 -8.43 -5.19
C THR A 105 15.18 -6.93 -5.28
N LEU A 106 15.72 -6.18 -4.33
CA LEU A 106 15.57 -4.72 -4.34
C LEU A 106 16.36 -4.08 -5.47
N GLN A 107 17.56 -4.58 -5.76
CA GLN A 107 18.32 -4.07 -6.90
C GLN A 107 17.51 -4.27 -8.19
N ASP A 108 16.90 -5.44 -8.30
N ASP A 108 16.99 -5.48 -8.40
CA ASP A 108 16.06 -5.74 -9.45
CA ASP A 108 16.24 -5.72 -9.63
C ASP A 108 14.82 -4.83 -9.50
C ASP A 108 15.04 -4.80 -9.76
N SER A 109 14.25 -4.50 -8.38
N SER A 109 14.41 -4.57 -8.62
CA SER A 109 13.08 -3.69 -8.39
CA SER A 109 13.18 -3.77 -8.56
C SER A 109 13.34 -2.29 -8.95
C SER A 109 13.41 -2.39 -9.14
N ARG A 110 14.57 -1.79 -8.85
CA ARG A 110 14.89 -0.48 -9.37
C ARG A 110 14.71 -0.38 -10.89
N THR A 111 15.02 -1.48 -11.57
CA THR A 111 15.07 -1.54 -13.02
C THR A 111 13.93 -2.40 -13.60
N ASN A 112 12.94 -2.70 -12.78
N ASN A 112 12.91 -2.65 -12.79
CA ASN A 112 11.78 -3.42 -13.19
CA ASN A 112 11.69 -3.30 -13.21
C ASN A 112 10.59 -2.47 -13.33
C ASN A 112 10.47 -2.45 -13.28
N GLY B 1 5.31 7.76 10.14
CA GLY B 1 6.05 8.04 8.87
C GLY B 1 5.11 8.82 7.99
N SER B 2 5.47 8.97 6.71
CA SER B 2 4.78 9.86 5.79
C SER B 2 3.48 9.29 5.32
N MET B 3 3.24 8.04 5.59
CA MET B 3 2.09 7.32 5.13
C MET B 3 1.01 7.09 6.21
N ALA B 4 -0.23 7.07 5.77
CA ALA B 4 -1.34 6.78 6.64
C ALA B 4 -2.50 6.27 5.79
N PHE B 5 -3.48 5.69 6.51
CA PHE B 5 -4.82 5.46 5.95
C PHE B 5 -5.70 6.68 6.22
N VAL B 6 -6.17 7.29 5.16
CA VAL B 6 -7.12 8.40 5.26
C VAL B 6 -8.48 7.92 5.77
N LYS B 7 -8.93 6.78 5.26
CA LYS B 7 -10.24 6.24 5.62
C LYS B 7 -10.18 4.75 5.36
N SER B 8 -10.83 3.98 6.22
CA SER B 8 -10.91 2.53 6.08
C SER B 8 -12.28 2.04 6.48
N GLY B 9 -12.71 0.93 5.90
CA GLY B 9 -13.90 0.26 6.36
C GLY B 9 -14.55 -0.57 5.31
N TRP B 10 -15.69 -1.16 5.67
CA TRP B 10 -16.46 -1.97 4.76
C TRP B 10 -17.24 -1.11 3.78
N LEU B 11 -17.33 -1.56 2.53
CA LEU B 11 -18.32 -1.07 1.58
C LEU B 11 -18.82 -2.25 0.78
N LEU B 12 -20.03 -2.12 0.24
CA LEU B 12 -20.56 -3.08 -0.71
C LEU B 12 -20.10 -2.67 -2.10
N ARG B 13 -19.56 -3.61 -2.86
CA ARG B 13 -19.06 -3.38 -4.19
C ARG B 13 -19.80 -4.24 -5.18
N GLN B 14 -20.28 -3.68 -6.27
CA GLN B 14 -21.06 -4.46 -7.22
C GLN B 14 -20.11 -5.27 -8.13
N SER B 15 -20.40 -6.56 -8.23
CA SER B 15 -19.88 -7.42 -9.26
C SER B 15 -20.90 -7.39 -10.40
N THR B 16 -20.58 -6.70 -11.48
CA THR B 16 -21.46 -6.68 -12.63
C THR B 16 -21.53 -8.06 -13.30
N ILE B 17 -20.45 -8.83 -13.20
CA ILE B 17 -20.45 -10.17 -13.82
C ILE B 17 -21.39 -11.11 -13.05
N LEU B 18 -21.35 -11.07 -11.71
CA LEU B 18 -22.21 -11.96 -10.87
C LEU B 18 -23.60 -11.37 -10.63
N LYS B 19 -23.80 -10.08 -10.90
N LYS B 19 -23.74 -10.08 -10.88
CA LYS B 19 -25.06 -9.36 -10.58
CA LYS B 19 -24.96 -9.36 -10.57
C LYS B 19 -25.33 -9.50 -9.07
C LYS B 19 -25.30 -9.43 -9.09
N ARG B 20 -24.28 -9.19 -8.28
N ARG B 20 -24.28 -9.28 -8.26
CA ARG B 20 -24.29 -9.41 -6.83
CA ARG B 20 -24.55 -9.08 -6.87
C ARG B 20 -23.45 -8.28 -6.24
C ARG B 20 -23.46 -8.29 -6.22
N TRP B 21 -23.74 -7.89 -5.00
CA TRP B 21 -22.90 -6.98 -4.25
C TRP B 21 -22.10 -7.74 -3.18
N LYS B 22 -20.80 -7.45 -3.08
CA LYS B 22 -19.89 -8.11 -2.16
C LYS B 22 -19.44 -7.15 -1.12
N LYS B 23 -19.33 -7.59 0.12
N LYS B 23 -19.46 -7.51 0.16
CA LYS B 23 -18.79 -6.71 1.17
CA LYS B 23 -18.81 -6.79 1.21
C LYS B 23 -17.30 -6.87 1.27
C LYS B 23 -17.30 -6.92 1.07
N ASN B 24 -16.58 -5.83 0.89
CA ASN B 24 -15.14 -5.82 0.86
C ASN B 24 -14.62 -4.74 1.83
N TRP B 25 -13.37 -4.93 2.27
CA TRP B 25 -12.69 -4.02 3.17
C TRP B 25 -11.82 -3.07 2.35
N PHE B 26 -12.00 -1.78 2.54
CA PHE B 26 -11.31 -0.75 1.80
C PHE B 26 -10.37 0.04 2.69
N ASP B 27 -9.17 0.32 2.20
CA ASP B 27 -8.29 1.35 2.77
C ASP B 27 -7.97 2.36 1.67
N LEU B 28 -8.20 3.64 1.96
CA LEU B 28 -7.73 4.74 1.13
C LEU B 28 -6.47 5.27 1.77
N TRP B 29 -5.36 5.16 1.08
CA TRP B 29 -4.07 5.64 1.54
C TRP B 29 -3.88 7.10 1.28
N SER B 30 -2.93 7.69 2.00
CA SER B 30 -2.58 9.07 1.91
C SER B 30 -1.86 9.46 0.61
N ASP B 31 -1.45 8.50 -0.20
CA ASP B 31 -0.74 8.69 -1.47
C ASP B 31 -1.65 8.41 -2.67
N GLY B 32 -2.95 8.29 -2.46
CA GLY B 32 -3.83 8.04 -3.55
C GLY B 32 -4.16 6.64 -3.91
N HIS B 33 -3.54 5.67 -3.28
CA HIS B 33 -3.91 4.29 -3.53
C HIS B 33 -5.18 3.94 -2.75
N LEU B 34 -6.12 3.28 -3.45
CA LEU B 34 -7.28 2.67 -2.84
C LEU B 34 -7.09 1.16 -3.01
N ILE B 35 -7.08 0.42 -1.89
CA ILE B 35 -6.90 -1.01 -1.93
C ILE B 35 -8.13 -1.65 -1.26
N TYR B 36 -8.67 -2.69 -1.87
CA TYR B 36 -9.77 -3.41 -1.27
C TYR B 36 -9.43 -4.88 -1.24
N TYR B 37 -9.97 -5.51 -0.20
CA TYR B 37 -9.66 -6.87 0.21
C TYR B 37 -10.94 -7.63 0.47
N ASP B 38 -10.82 -8.95 0.49
CA ASP B 38 -11.95 -9.79 0.89
C ASP B 38 -12.45 -9.48 2.29
N ASP B 39 -11.53 -9.21 3.22
CA ASP B 39 -11.91 -8.90 4.59
C ASP B 39 -10.79 -8.08 5.25
N GLN B 40 -11.03 -7.76 6.53
CA GLN B 40 -10.20 -6.85 7.28
C GLN B 40 -8.84 -7.44 7.68
N THR B 41 -8.62 -8.72 7.42
CA THR B 41 -7.28 -9.26 7.63
C THR B 41 -6.29 -8.68 6.62
N ARG B 42 -6.77 -8.13 5.52
CA ARG B 42 -5.89 -7.53 4.49
C ARG B 42 -4.99 -8.56 3.85
N GLN B 43 -5.40 -9.84 3.90
N GLN B 43 -5.39 -9.84 3.88
CA GLN B 43 -4.63 -10.95 3.35
CA GLN B 43 -4.56 -10.89 3.34
C GLN B 43 -4.87 -11.16 1.87
C GLN B 43 -4.88 -11.24 1.89
N ASN B 44 -6.12 -11.01 1.44
CA ASN B 44 -6.53 -11.37 0.08
C ASN B 44 -7.00 -10.15 -0.65
N ILE B 45 -6.15 -9.62 -1.53
CA ILE B 45 -6.44 -8.42 -2.30
C ILE B 45 -7.52 -8.72 -3.35
N GLU B 46 -8.51 -7.86 -3.42
CA GLU B 46 -9.49 -7.85 -4.51
C GLU B 46 -8.95 -6.99 -5.65
N ASP B 47 -8.63 -5.73 -5.38
N ASP B 47 -8.62 -5.73 -5.39
CA ASP B 47 -7.98 -4.92 -6.38
CA ASP B 47 -7.92 -4.91 -6.38
C ASP B 47 -7.34 -3.71 -5.71
C ASP B 47 -7.31 -3.72 -5.70
N LYS B 48 -6.60 -2.97 -6.52
CA LYS B 48 -5.91 -1.75 -6.11
C LYS B 48 -6.04 -0.77 -7.26
N VAL B 49 -6.36 0.49 -6.91
CA VAL B 49 -6.48 1.56 -7.86
C VAL B 49 -5.58 2.70 -7.39
N HIS B 50 -4.92 3.36 -8.33
CA HIS B 50 -4.09 4.53 -8.02
C HIS B 50 -4.94 5.73 -8.43
N MET B 51 -5.68 6.31 -7.50
CA MET B 51 -6.71 7.31 -7.83
C MET B 51 -6.24 8.43 -8.75
N PRO B 52 -5.08 9.09 -8.49
CA PRO B 52 -4.72 10.23 -9.32
C PRO B 52 -4.47 9.88 -10.78
N MET B 53 -4.02 8.67 -11.06
CA MET B 53 -3.74 8.22 -12.39
C MET B 53 -4.89 7.50 -13.05
N ASP B 54 -5.69 6.78 -12.25
CA ASP B 54 -6.66 5.82 -12.79
C ASP B 54 -8.09 6.35 -12.82
N CYS B 55 -8.43 7.30 -11.94
CA CYS B 55 -9.82 7.71 -11.82
C CYS B 55 -10.08 8.93 -12.71
N ILE B 56 -10.97 8.76 -13.68
CA ILE B 56 -11.45 9.87 -14.52
C ILE B 56 -12.33 10.78 -13.69
N ASN B 57 -13.36 10.23 -13.08
CA ASN B 57 -14.21 11.05 -12.21
C ASN B 57 -14.93 10.11 -11.23
N ILE B 58 -15.59 10.76 -10.28
CA ILE B 58 -16.37 10.09 -9.24
C ILE B 58 -17.78 10.66 -9.29
N ARG B 59 -18.78 9.80 -9.34
CA ARG B 59 -20.20 10.16 -9.29
C ARG B 59 -20.76 9.79 -7.94
N THR B 60 -21.79 10.48 -7.47
CA THR B 60 -22.53 10.02 -6.32
C THR B 60 -24.00 10.43 -6.42
N GLY B 61 -24.85 9.75 -5.67
CA GLY B 61 -26.25 10.16 -5.62
C GLY B 61 -26.91 10.04 -6.99
N GLN B 62 -27.69 11.05 -7.35
CA GLN B 62 -28.43 11.03 -8.60
C GLN B 62 -27.50 11.22 -9.82
N GLU B 63 -26.20 11.46 -9.59
CA GLU B 63 -25.23 11.47 -10.68
C GLU B 63 -24.90 10.04 -11.12
N CYS B 64 -25.17 9.01 -10.30
CA CYS B 64 -24.81 7.69 -10.70
C CYS B 64 -25.56 7.23 -11.93
N ARG B 65 -24.96 6.31 -12.66
CA ARG B 65 -25.56 5.76 -13.88
C ARG B 65 -25.58 4.25 -13.88
N ASP B 66 -26.72 3.73 -14.33
N ASP B 66 -26.59 3.67 -14.50
CA ASP B 66 -26.89 2.32 -14.78
CA ASP B 66 -26.62 2.25 -14.84
C ASP B 66 -26.70 1.29 -13.70
C ASP B 66 -26.88 1.27 -13.71
N THR B 67 -26.89 1.72 -12.45
CA THR B 67 -26.73 0.86 -11.32
C THR B 67 -27.77 1.13 -10.24
N GLN B 68 -28.45 0.07 -9.83
N GLN B 68 -28.44 0.08 -9.80
CA GLN B 68 -29.37 0.11 -8.71
CA GLN B 68 -29.33 0.24 -8.66
C GLN B 68 -28.61 -0.17 -7.40
C GLN B 68 -28.62 -0.14 -7.39
N PRO B 69 -28.69 0.69 -6.36
CA PRO B 69 -27.99 0.36 -5.13
C PRO B 69 -28.54 -0.95 -4.52
N PRO B 70 -27.76 -1.62 -3.71
CA PRO B 70 -28.23 -2.81 -3.01
C PRO B 70 -29.23 -2.49 -1.89
N ASP B 71 -29.98 -3.52 -1.53
CA ASP B 71 -30.77 -3.55 -0.33
C ASP B 71 -31.79 -2.42 -0.31
N GLY B 72 -32.24 -2.02 -1.51
CA GLY B 72 -33.24 -0.96 -1.66
C GLY B 72 -32.75 0.42 -1.30
N LYS B 73 -31.43 0.59 -1.06
CA LYS B 73 -30.94 1.87 -0.58
C LYS B 73 -31.06 2.95 -1.63
N SER B 74 -31.09 4.19 -1.13
CA SER B 74 -31.03 5.35 -1.97
C SER B 74 -29.70 5.43 -2.68
N LYS B 75 -29.72 6.00 -3.89
CA LYS B 75 -28.51 6.37 -4.58
C LYS B 75 -27.62 7.31 -3.80
N ASP B 76 -28.14 8.01 -2.81
CA ASP B 76 -27.31 8.88 -2.02
C ASP B 76 -26.40 8.10 -1.06
N CYS B 77 -26.46 6.78 -1.00
CA CYS B 77 -25.51 5.95 -0.31
C CYS B 77 -24.41 5.42 -1.27
N MET B 78 -24.54 5.68 -2.56
CA MET B 78 -23.70 5.06 -3.57
C MET B 78 -22.79 6.08 -4.21
N LEU B 79 -21.60 5.61 -4.58
CA LEU B 79 -20.68 6.37 -5.41
C LEU B 79 -20.14 5.43 -6.48
N GLN B 80 -19.64 6.04 -7.57
CA GLN B 80 -19.04 5.30 -8.67
C GLN B 80 -17.69 5.92 -8.99
N ILE B 81 -16.65 5.07 -8.99
CA ILE B 81 -15.32 5.46 -9.41
C ILE B 81 -15.16 5.05 -10.87
N VAL B 82 -15.13 6.00 -11.77
CA VAL B 82 -15.04 5.74 -13.20
C VAL B 82 -13.55 5.75 -13.57
N CYS B 83 -13.06 4.65 -14.11
CA CYS B 83 -11.64 4.45 -14.30
C CYS B 83 -11.23 4.52 -15.78
N ARG B 84 -9.98 4.85 -15.99
CA ARG B 84 -9.42 5.00 -17.33
C ARG B 84 -9.33 3.67 -18.09
N ASP B 85 -9.29 2.54 -17.38
CA ASP B 85 -9.19 1.19 -17.98
C ASP B 85 -10.55 0.61 -18.26
N GLY B 86 -11.61 1.40 -18.16
CA GLY B 86 -12.91 0.98 -18.55
C GLY B 86 -13.79 0.45 -17.44
N LYS B 87 -13.26 0.23 -16.25
CA LYS B 87 -14.08 -0.24 -15.18
C LYS B 87 -14.81 0.99 -14.51
N THR B 88 -16.01 0.72 -13.99
CA THR B 88 -16.71 1.63 -13.11
C THR B 88 -17.01 0.88 -11.85
N ILE B 89 -16.39 1.31 -10.78
CA ILE B 89 -16.53 0.63 -9.50
C ILE B 89 -17.67 1.27 -8.73
N SER B 90 -18.76 0.53 -8.55
CA SER B 90 -19.91 1.03 -7.79
C SER B 90 -19.84 0.55 -6.37
N LEU B 91 -19.86 1.48 -5.44
CA LEU B 91 -19.66 1.23 -4.01
C LEU B 91 -20.83 1.83 -3.24
N CYS B 92 -21.33 1.08 -2.27
CA CYS B 92 -22.46 1.55 -1.47
C CYS B 92 -22.08 1.49 0.00
N ALA B 93 -22.23 2.62 0.67
CA ALA B 93 -22.02 2.75 2.10
C ALA B 93 -23.31 2.48 2.85
N GLU B 94 -23.23 2.44 4.18
CA GLU B 94 -24.42 2.16 5.00
C GLU B 94 -25.29 3.37 5.14
N SER B 95 -24.71 4.57 5.01
CA SER B 95 -25.43 5.80 5.21
C SER B 95 -24.94 6.86 4.22
N THR B 96 -25.74 7.87 3.98
CA THR B 96 -25.37 8.86 3.01
C THR B 96 -24.24 9.76 3.52
N ASP B 97 -24.24 10.06 4.83
CA ASP B 97 -23.13 10.83 5.37
C ASP B 97 -21.81 10.09 5.20
N ASP B 98 -21.78 8.79 5.48
CA ASP B 98 -20.54 8.06 5.28
C ASP B 98 -20.17 7.96 3.79
N CYS B 99 -21.17 7.81 2.91
CA CYS B 99 -20.89 7.85 1.48
C CYS B 99 -20.19 9.13 1.09
N LEU B 100 -20.71 10.27 1.53
N LEU B 100 -20.70 10.28 1.52
CA LEU B 100 -20.11 11.55 1.19
CA LEU B 100 -20.08 11.55 1.11
C LEU B 100 -18.72 11.68 1.74
C LEU B 100 -18.72 11.74 1.77
N ALA B 101 -18.47 11.16 2.94
CA ALA B 101 -17.12 11.17 3.52
C ALA B 101 -16.14 10.37 2.64
N TRP B 102 -16.57 9.18 2.18
CA TRP B 102 -15.76 8.45 1.20
C TRP B 102 -15.57 9.26 -0.07
N LYS B 103 -16.64 9.87 -0.58
CA LYS B 103 -16.55 10.57 -1.83
C LYS B 103 -15.51 11.72 -1.74
N PHE B 104 -15.61 12.51 -0.67
CA PHE B 104 -14.72 13.61 -0.48
C PHE B 104 -13.25 13.15 -0.41
N THR B 105 -12.99 12.14 0.42
CA THR B 105 -11.62 11.70 0.60
C THR B 105 -11.08 11.06 -0.70
N LEU B 106 -11.90 10.25 -1.36
CA LEU B 106 -11.50 9.68 -2.63
C LEU B 106 -11.16 10.77 -3.63
N GLN B 107 -12.00 11.79 -3.72
CA GLN B 107 -11.77 12.85 -4.67
C GLN B 107 -10.52 13.66 -4.33
N ASP B 108 -10.33 13.95 -3.04
N ASP B 108 -10.32 13.93 -3.05
CA ASP B 108 -9.14 14.68 -2.60
CA ASP B 108 -9.11 14.64 -2.65
C ASP B 108 -7.86 13.91 -2.99
C ASP B 108 -7.89 13.87 -3.10
N SER B 109 -7.90 12.57 -2.82
N SER B 109 -7.97 12.56 -2.87
CA SER B 109 -6.76 11.73 -3.15
CA SER B 109 -6.93 11.55 -3.17
C SER B 109 -6.48 11.73 -4.66
C SER B 109 -6.57 11.40 -4.61
N ARG B 110 -7.55 11.74 -5.44
CA ARG B 110 -7.41 11.78 -6.88
C ARG B 110 -6.76 13.06 -7.31
N THR B 111 -7.28 14.20 -6.84
CA THR B 111 -7.08 15.46 -7.51
C THR B 111 -6.05 16.37 -6.94
N ASN B 112 -5.86 16.28 -5.63
N ASN B 112 -5.96 16.49 -5.67
CA ASN B 112 -5.09 17.37 -4.98
CA ASN B 112 -5.26 17.63 -5.14
C ASN B 112 -3.65 17.05 -4.73
C ASN B 112 -3.79 17.29 -4.84
N SEP C . 7.60 6.11 13.46
CA SEP C . 9.05 6.32 13.22
CB SEP C . 9.74 6.74 14.49
OG SEP C . 9.78 5.61 15.37
C SEP C . 9.65 5.01 12.69
O SEP C . 8.97 4.00 12.74
OXT SEP C . 10.81 5.09 12.25
P SEP C . 10.54 5.68 16.77
O1P SEP C . 9.75 6.63 17.62
O2P SEP C . 10.49 4.22 17.18
O3P SEP C . 11.94 6.18 16.49
H1 SEP C . 7.40 6.27 14.38
H2 SEP C . 7.10 6.74 12.93
H3 SEP C . 7.36 5.22 13.22
HA SEP C . 9.17 7.02 12.55
HB2 SEP C . 10.66 7.02 14.29
HB3 SEP C . 9.25 7.46 14.92
C1 EDO D . 10.19 5.88 7.02
O1 EDO D . 11.33 5.14 7.45
C2 EDO D . 9.89 6.93 8.02
O2 EDO D . 8.92 6.29 8.87
H11 EDO D . 9.37 5.17 7.00
H12 EDO D . 10.30 6.28 6.02
HO1 EDO D . 11.80 4.80 6.68
H21 EDO D . 10.78 7.18 8.58
H22 EDO D . 9.49 7.82 7.56
HO2 EDO D . 9.20 6.37 9.79
C1 EDO E . -21.43 16.02 -5.01
O1 EDO E . -20.89 15.33 -6.08
C2 EDO E . -20.77 15.68 -3.71
O2 EDO E . -19.39 16.12 -3.76
H11 EDO E . -22.49 15.80 -4.95
H12 EDO E . -21.32 17.09 -5.19
HO1 EDO E . -21.35 15.58 -6.89
H21 EDO E . -21.29 16.19 -2.89
H22 EDO E . -20.81 14.61 -3.53
HO2 EDO E . -19.36 17.09 -3.81
C1 EDO F . -31.09 11.50 -15.35
O1 EDO F . -30.93 11.44 -13.93
C2 EDO F . -29.86 11.32 -16.25
O2 EDO F . -30.43 10.96 -17.52
H11 EDO F . -31.79 10.70 -15.62
H12 EDO F . -31.59 12.43 -15.60
HO1 EDO F . -31.74 11.12 -13.53
H21 EDO F . -29.28 12.23 -16.32
H22 EDO F . -29.24 10.51 -15.87
HO2 EDO F . -30.86 10.10 -17.45
#